data_8SPF
#
_entry.id   8SPF
#
_cell.length_a   61.134
_cell.length_b   83.884
_cell.length_c   100.345
_cell.angle_alpha   90.00
_cell.angle_beta   90.00
_cell.angle_gamma   90.00
#
_symmetry.space_group_name_H-M   'P 21 21 21'
#
loop_
_entity.id
_entity.type
_entity.pdbx_description
1 polymer 'Apoptosis regulator BAX'
2 non-polymer SN-GLYCEROL-1-PHOSPHATE
3 non-polymer 1,2-ETHANEDIOL
4 non-polymer N-OCTANE
5 non-polymer DODECANE
6 non-polymer nonane
7 water water
#
_entity_poly.entity_id   1
_entity_poly.type   'polypeptide(L)'
_entity_poly.pdbx_seq_one_letter_code
;GPLGSDASTKKLSESLKRIGDELDSNMELQRMIAAVDTDSPREVFFRVAADMFSDGNFNWGRVVALFYFASKLVLKALST
K
;
_entity_poly.pdbx_strand_id   C,D,A,B,E,F
#
loop_
_chem_comp.id
_chem_comp.type
_chem_comp.name
_chem_comp.formula
1GP non-polymer SN-GLYCEROL-1-PHOSPHATE 'C3 H9 O6 P'
D12 non-polymer DODECANE 'C12 H26'
DD9 non-polymer nonane 'C9 H20'
EDO non-polymer 1,2-ETHANEDIOL 'C2 H6 O2'
OCT non-polymer N-OCTANE 'C8 H18'
#
# COMPACT_ATOMS: atom_id res chain seq x y z
N ASP A 6 1.35 -21.21 23.59
CA ASP A 6 1.89 -21.44 22.26
C ASP A 6 1.04 -22.41 21.44
N ALA A 7 0.22 -23.22 22.10
CA ALA A 7 -0.62 -24.19 21.39
C ALA A 7 -1.93 -23.60 20.89
N SER A 8 -2.36 -22.47 21.46
CA SER A 8 -3.57 -21.82 20.96
C SER A 8 -3.38 -21.30 19.54
N THR A 9 -2.15 -20.99 19.16
CA THR A 9 -1.85 -20.58 17.79
C THR A 9 -2.09 -21.70 16.80
N LYS A 10 -1.84 -22.95 17.20
CA LYS A 10 -1.86 -24.08 16.28
C LYS A 10 -3.23 -24.20 15.60
N LYS A 11 -4.31 -24.11 16.36
CA LYS A 11 -5.64 -24.28 15.80
C LYS A 11 -5.97 -23.15 14.82
N LEU A 12 -5.60 -21.91 15.16
CA LEU A 12 -5.91 -20.79 14.29
C LEU A 12 -5.09 -20.83 13.01
N SER A 13 -3.79 -21.13 13.12
CA SER A 13 -2.95 -21.20 11.93
C SER A 13 -3.33 -22.38 11.04
N GLU A 14 -3.86 -23.45 11.63
CA GLU A 14 -4.27 -24.61 10.83
C GLU A 14 -5.56 -24.32 10.07
N SER A 15 -6.42 -23.46 10.60
CA SER A 15 -7.65 -23.10 9.91
C SER A 15 -7.37 -22.13 8.76
N LEU A 16 -6.55 -21.11 9.01
CA LEU A 16 -6.13 -20.21 7.94
C LEU A 16 -5.37 -20.95 6.86
N LYS A 17 -4.59 -21.97 7.24
CA LYS A 17 -3.87 -22.76 6.26
C LYS A 17 -4.82 -23.56 5.38
N ARG A 18 -5.86 -24.12 5.96
CA ARG A 18 -6.83 -24.88 5.17
C ARG A 18 -7.66 -23.95 4.29
N ILE A 19 -8.00 -22.76 4.80
CA ILE A 19 -8.74 -21.79 4.00
C ILE A 19 -7.94 -21.39 2.77
N GLY A 20 -6.65 -21.12 2.96
CA GLY A 20 -5.82 -20.73 1.82
C GLY A 20 -5.66 -21.85 0.81
N ASP A 21 -5.47 -23.08 1.29
CA ASP A 21 -5.31 -24.21 0.38
C ASP A 21 -6.62 -24.54 -0.33
N GLU A 22 -7.76 -24.39 0.35
CA GLU A 22 -9.04 -24.62 -0.30
C GLU A 22 -9.30 -23.60 -1.39
N LEU A 23 -8.86 -22.36 -1.19
CA LEU A 23 -8.99 -21.35 -2.23
C LEU A 23 -8.19 -21.73 -3.48
N ASP A 24 -6.91 -22.05 -3.30
CA ASP A 24 -6.04 -22.28 -4.45
C ASP A 24 -6.34 -23.61 -5.14
N SER A 25 -6.85 -24.59 -4.41
CA SER A 25 -7.14 -25.91 -4.96
C SER A 25 -8.59 -26.04 -5.42
N ASN A 26 -9.37 -24.97 -5.37
CA ASN A 26 -10.72 -24.97 -5.92
C ASN A 26 -10.62 -24.90 -7.44
N MET A 27 -10.72 -26.05 -8.09
CA MET A 27 -10.48 -26.11 -9.53
C MET A 27 -11.50 -25.29 -10.30
N GLU A 28 -12.76 -25.30 -9.87
CA GLU A 28 -13.79 -24.51 -10.54
C GLU A 28 -13.50 -23.02 -10.42
N LEU A 29 -13.06 -22.58 -9.25
CA LEU A 29 -12.72 -21.17 -9.05
C LEU A 29 -11.50 -20.78 -9.87
N GLN A 30 -10.49 -21.65 -9.93
CA GLN A 30 -9.29 -21.33 -10.69
C GLN A 30 -9.58 -21.26 -12.18
N ARG A 31 -10.48 -22.12 -12.66
CA ARG A 31 -10.88 -22.05 -14.07
C ARG A 31 -11.59 -20.75 -14.39
N MET A 32 -12.49 -20.31 -13.50
CA MET A 32 -13.26 -19.10 -13.76
C MET A 32 -12.39 -17.86 -13.74
N ILE A 33 -11.46 -17.77 -12.79
CA ILE A 33 -10.56 -16.63 -12.74
C ILE A 33 -9.64 -16.62 -13.97
N ALA A 34 -9.23 -17.79 -14.45
CA ALA A 34 -8.34 -17.86 -15.60
C ALA A 34 -9.05 -17.53 -16.90
N ALA A 35 -10.38 -17.60 -16.94
CA ALA A 35 -11.15 -17.39 -18.16
C ALA A 35 -11.48 -15.94 -18.42
N VAL A 36 -10.88 -15.01 -17.68
CA VAL A 36 -11.15 -13.58 -17.87
C VAL A 36 -10.43 -13.09 -19.13
N ASP A 37 -10.59 -11.81 -19.44
CA ASP A 37 -10.00 -11.22 -20.63
C ASP A 37 -8.98 -10.16 -20.24
N THR A 38 -8.13 -9.82 -21.21
CA THR A 38 -7.09 -8.81 -21.00
C THR A 38 -7.69 -7.42 -20.92
N PRO A 41 -9.68 -5.64 -18.74
CA PRO A 41 -8.63 -5.53 -17.71
C PRO A 41 -9.17 -5.04 -16.37
N ARG A 42 -9.00 -3.74 -16.10
CA ARG A 42 -9.49 -3.16 -14.85
C ARG A 42 -11.01 -3.08 -14.80
N GLU A 43 -11.68 -3.18 -15.94
CA GLU A 43 -13.13 -3.00 -16.00
C GLU A 43 -13.90 -4.26 -15.62
N VAL A 44 -13.36 -5.45 -15.90
CA VAL A 44 -14.01 -6.67 -15.45
C VAL A 44 -13.95 -6.76 -13.93
N PHE A 45 -12.91 -6.19 -13.32
CA PHE A 45 -12.85 -6.11 -11.87
C PHE A 45 -14.05 -5.37 -11.30
N PHE A 46 -14.42 -4.25 -11.92
CA PHE A 46 -15.58 -3.49 -11.44
C PHE A 46 -16.89 -4.18 -11.79
N ARG A 47 -16.93 -4.89 -12.93
CA ARG A 47 -18.11 -5.67 -13.25
C ARG A 47 -18.36 -6.76 -12.20
N VAL A 48 -17.30 -7.44 -11.76
CA VAL A 48 -17.43 -8.41 -10.70
C VAL A 48 -17.73 -7.72 -9.37
N ALA A 49 -17.12 -6.56 -9.14
CA ALA A 49 -17.29 -5.87 -7.87
C ALA A 49 -18.73 -5.40 -7.69
N ALA A 50 -19.26 -4.65 -8.66
CA ALA A 50 -20.65 -4.21 -8.58
C ALA A 50 -21.61 -5.39 -8.55
N ASP A 51 -21.23 -6.51 -9.16
CA ASP A 51 -22.04 -7.72 -9.09
C ASP A 51 -21.93 -8.38 -7.72
N MET A 52 -20.81 -8.19 -7.04
CA MET A 52 -20.63 -8.82 -5.72
C MET A 52 -21.44 -8.10 -4.65
N PHE A 53 -21.57 -6.78 -4.75
CA PHE A 53 -22.17 -5.96 -3.71
C PHE A 53 -23.54 -5.42 -4.09
N SER A 54 -24.19 -6.01 -5.09
CA SER A 54 -25.49 -5.49 -5.52
C SER A 54 -26.58 -5.68 -4.47
N ASP A 55 -26.38 -6.58 -3.51
CA ASP A 55 -27.35 -6.80 -2.45
C ASP A 55 -27.12 -5.88 -1.25
N GLY A 56 -26.08 -5.05 -1.28
CA GLY A 56 -25.84 -4.09 -0.21
C GLY A 56 -25.02 -4.61 0.95
N ASN A 57 -24.57 -5.85 0.90
CA ASN A 57 -23.78 -6.42 1.98
C ASN A 57 -22.29 -6.19 1.71
N PHE A 58 -21.63 -5.48 2.61
CA PHE A 58 -20.22 -5.14 2.46
C PHE A 58 -19.37 -5.72 3.58
N ASN A 59 -19.74 -6.92 4.06
CA ASN A 59 -18.96 -7.57 5.10
C ASN A 59 -17.54 -7.84 4.61
N TRP A 60 -16.59 -7.78 5.55
CA TRP A 60 -15.18 -7.70 5.18
C TRP A 60 -14.70 -8.93 4.42
N GLY A 61 -15.31 -10.08 4.66
CA GLY A 61 -14.89 -11.28 3.95
C GLY A 61 -15.03 -11.17 2.45
N ARG A 62 -16.07 -10.46 1.99
CA ARG A 62 -16.25 -10.25 0.56
C ARG A 62 -15.15 -9.38 -0.02
N VAL A 63 -14.68 -8.39 0.75
CA VAL A 63 -13.61 -7.52 0.27
C VAL A 63 -12.32 -8.31 0.10
N VAL A 64 -12.01 -9.20 1.03
CA VAL A 64 -10.81 -10.02 0.93
C VAL A 64 -10.94 -11.01 -0.22
N ALA A 65 -12.13 -11.57 -0.43
CA ALA A 65 -12.35 -12.44 -1.57
C ALA A 65 -12.18 -11.69 -2.88
N LEU A 66 -12.66 -10.44 -2.93
CA LEU A 66 -12.43 -9.62 -4.11
C LEU A 66 -10.94 -9.30 -4.27
N PHE A 67 -10.23 -9.08 -3.16
CA PHE A 67 -8.80 -8.86 -3.24
C PHE A 67 -8.07 -10.10 -3.74
N TYR A 68 -8.56 -11.29 -3.38
CA TYR A 68 -7.98 -12.51 -3.91
C TYR A 68 -8.11 -12.59 -5.41
N PHE A 69 -9.26 -12.17 -5.95
CA PHE A 69 -9.46 -12.19 -7.40
C PHE A 69 -8.64 -11.11 -8.08
N ALA A 70 -8.58 -9.92 -7.50
CA ALA A 70 -7.88 -8.82 -8.13
C ALA A 70 -6.38 -9.07 -8.20
N SER A 71 -5.81 -9.68 -7.16
CA SER A 71 -4.37 -9.95 -7.14
C SER A 71 -4.00 -10.99 -8.19
N LYS A 72 -4.80 -12.05 -8.31
CA LYS A 72 -4.59 -13.00 -9.40
C LYS A 72 -4.89 -12.36 -10.75
N LEU A 73 -5.83 -11.43 -10.79
CA LEU A 73 -6.14 -10.72 -12.03
C LEU A 73 -5.00 -9.82 -12.45
N VAL A 74 -4.32 -9.19 -11.48
CA VAL A 74 -3.23 -8.27 -11.81
C VAL A 74 -1.94 -9.01 -12.10
N LEU A 75 -1.79 -10.25 -11.64
CA LEU A 75 -0.58 -11.02 -11.93
C LEU A 75 -0.52 -11.40 -13.40
N LYS A 76 -1.66 -11.81 -13.97
CA LYS A 76 -1.72 -12.12 -15.39
C LYS A 76 -1.40 -10.90 -16.26
N ALA A 77 -1.58 -9.70 -15.73
CA ALA A 77 -1.24 -8.48 -16.45
C ALA A 77 0.23 -8.13 -16.23
N ALA B 7 -23.95 -11.66 -16.25
CA ALA B 7 -23.46 -12.17 -17.52
C ALA B 7 -22.43 -13.27 -17.30
N SER B 8 -21.27 -13.14 -17.96
CA SER B 8 -20.21 -14.12 -17.79
C SER B 8 -19.63 -14.06 -16.39
N THR B 9 -19.47 -12.86 -15.84
CA THR B 9 -18.89 -12.68 -14.52
C THR B 9 -19.85 -13.05 -13.40
N LYS B 10 -21.11 -13.38 -13.72
CA LYS B 10 -22.11 -13.64 -12.68
C LYS B 10 -21.73 -14.85 -11.84
N LYS B 11 -21.28 -15.93 -12.48
CA LYS B 11 -20.86 -17.12 -11.74
C LYS B 11 -19.66 -16.80 -10.85
N LEU B 12 -18.67 -16.09 -11.38
CA LEU B 12 -17.50 -15.74 -10.59
C LEU B 12 -17.87 -14.80 -9.44
N SER B 13 -18.79 -13.87 -9.68
CA SER B 13 -19.19 -12.94 -8.63
C SER B 13 -19.89 -13.67 -7.49
N GLU B 14 -20.71 -14.67 -7.82
CA GLU B 14 -21.41 -15.42 -6.78
C GLU B 14 -20.47 -16.35 -6.02
N SER B 15 -19.41 -16.83 -6.66
CA SER B 15 -18.45 -17.67 -5.97
C SER B 15 -17.61 -16.87 -4.98
N LEU B 16 -17.14 -15.69 -5.40
CA LEU B 16 -16.40 -14.82 -4.49
C LEU B 16 -17.29 -14.33 -3.35
N LYS B 17 -18.55 -14.00 -3.67
CA LYS B 17 -19.48 -13.60 -2.62
C LYS B 17 -19.76 -14.74 -1.65
N ARG B 18 -19.88 -15.97 -2.18
CA ARG B 18 -20.08 -17.12 -1.31
C ARG B 18 -18.86 -17.35 -0.42
N ILE B 19 -17.65 -17.23 -0.98
CA ILE B 19 -16.44 -17.41 -0.20
C ILE B 19 -16.36 -16.36 0.91
N GLY B 20 -16.66 -15.10 0.57
CA GLY B 20 -16.62 -14.05 1.58
C GLY B 20 -17.65 -14.25 2.67
N ASP B 21 -18.84 -14.73 2.32
CA ASP B 21 -19.87 -14.98 3.32
C ASP B 21 -19.52 -16.19 4.18
N GLU B 22 -18.87 -17.20 3.60
CA GLU B 22 -18.47 -18.36 4.39
C GLU B 22 -17.35 -18.01 5.36
N LEU B 23 -16.45 -17.12 4.96
CA LEU B 23 -15.37 -16.69 5.86
C LEU B 23 -15.95 -16.00 7.10
N ASP B 24 -16.80 -15.00 6.89
CA ASP B 24 -17.32 -14.21 8.01
C ASP B 24 -18.30 -14.98 8.87
N SER B 25 -18.94 -16.02 8.32
CA SER B 25 -19.93 -16.79 9.06
C SER B 25 -19.36 -18.06 9.68
N ASN B 26 -18.09 -18.36 9.46
CA ASN B 26 -17.43 -19.48 10.12
C ASN B 26 -17.28 -19.15 11.59
N MET B 27 -18.24 -19.62 12.41
CA MET B 27 -18.26 -19.24 13.82
C MET B 27 -17.04 -19.76 14.57
N GLU B 28 -16.54 -20.95 14.22
CA GLU B 28 -15.34 -21.46 14.88
C GLU B 28 -14.12 -20.60 14.53
N LEU B 29 -14.08 -20.07 13.31
CA LEU B 29 -12.97 -19.19 12.94
C LEU B 29 -13.09 -17.84 13.64
N GLN B 30 -14.29 -17.25 13.64
CA GLN B 30 -14.49 -15.99 14.35
C GLN B 30 -14.26 -16.16 15.85
N ARG B 31 -14.56 -17.34 16.38
CA ARG B 31 -14.28 -17.61 17.79
C ARG B 31 -12.79 -17.56 18.08
N MET B 32 -11.98 -18.14 17.18
CA MET B 32 -10.53 -18.17 17.39
C MET B 32 -9.92 -16.79 17.19
N ILE B 33 -10.41 -16.03 16.20
CA ILE B 33 -9.90 -14.69 15.97
C ILE B 33 -10.23 -13.77 17.14
N ALA B 34 -11.42 -13.94 17.72
CA ALA B 34 -11.83 -13.10 18.85
C ALA B 34 -11.09 -13.44 20.13
N ALA B 35 -10.49 -14.63 20.22
CA ALA B 35 -9.76 -15.06 21.41
C ALA B 35 -8.29 -14.70 21.37
N VAL B 36 -7.89 -13.77 20.51
CA VAL B 36 -6.51 -13.33 20.41
C VAL B 36 -6.22 -12.31 21.49
N ASP B 37 -5.05 -12.43 22.11
CA ASP B 37 -4.62 -11.47 23.12
C ASP B 37 -4.54 -10.08 22.52
N THR B 38 -5.35 -9.16 23.06
CA THR B 38 -5.37 -7.79 22.56
C THR B 38 -4.17 -6.97 23.01
N ASP B 39 -3.45 -7.42 24.04
CA ASP B 39 -2.28 -6.70 24.54
C ASP B 39 -1.03 -6.99 23.73
N SER B 40 -1.03 -8.03 22.89
CA SER B 40 0.10 -8.33 22.02
C SER B 40 -0.42 -8.96 20.73
N PRO B 41 -1.13 -8.18 19.90
CA PRO B 41 -1.62 -8.72 18.63
C PRO B 41 -0.51 -8.96 17.63
N ARG B 42 0.62 -8.28 17.78
CA ARG B 42 1.73 -8.45 16.84
C ARG B 42 2.42 -9.80 17.04
N GLU B 43 2.68 -10.17 18.30
CA GLU B 43 3.35 -11.45 18.55
C GLU B 43 2.45 -12.62 18.22
N VAL B 44 1.15 -12.50 18.47
CA VAL B 44 0.21 -13.56 18.08
C VAL B 44 0.21 -13.73 16.57
N PHE B 45 0.29 -12.62 15.82
CA PHE B 45 0.28 -12.70 14.37
C PHE B 45 1.51 -13.40 13.83
N PHE B 46 2.70 -13.01 14.33
N PHE B 46 2.69 -13.05 14.34
CA PHE B 46 3.94 -13.64 13.87
CA PHE B 46 3.92 -13.64 13.83
C PHE B 46 3.98 -15.11 14.21
C PHE B 46 4.11 -15.08 14.29
N ARG B 47 3.45 -15.49 15.38
CA ARG B 47 3.44 -16.90 15.75
C ARG B 47 2.46 -17.69 14.90
N VAL B 48 1.35 -17.07 14.50
CA VAL B 48 0.43 -17.71 13.56
C VAL B 48 1.04 -17.79 12.17
N ALA B 49 1.70 -16.72 11.74
CA ALA B 49 2.27 -16.70 10.39
C ALA B 49 3.42 -17.71 10.27
N ALA B 50 4.27 -17.78 11.28
CA ALA B 50 5.37 -18.75 11.26
C ALA B 50 4.84 -20.18 11.27
N ASP B 51 3.71 -20.43 11.95
CA ASP B 51 3.16 -21.78 12.00
C ASP B 51 2.43 -22.13 10.71
N MET B 52 1.82 -21.16 10.05
CA MET B 52 1.12 -21.42 8.79
C MET B 52 2.08 -21.94 7.73
N PHE B 53 3.26 -21.34 7.63
CA PHE B 53 4.27 -21.74 6.65
C PHE B 53 5.34 -22.62 7.26
N SER B 54 4.98 -23.44 8.26
CA SER B 54 5.94 -24.36 8.85
C SER B 54 6.24 -25.52 7.91
N ASP B 55 5.27 -25.88 7.06
CA ASP B 55 5.57 -26.76 5.93
C ASP B 55 6.21 -25.92 4.83
N GLY B 56 6.41 -26.50 3.65
CA GLY B 56 7.16 -25.80 2.62
C GLY B 56 6.32 -25.04 1.61
N ASN B 57 5.06 -24.76 1.94
CA ASN B 57 4.11 -24.21 0.98
C ASN B 57 3.88 -22.74 1.25
N PHE B 58 3.99 -21.92 0.21
CA PHE B 58 3.79 -20.47 0.28
C PHE B 58 2.82 -20.02 -0.80
N ASN B 59 1.73 -20.77 -1.00
CA ASN B 59 0.77 -20.41 -2.03
C ASN B 59 0.05 -19.12 -1.66
N TRP B 60 -0.42 -18.40 -2.70
CA TRP B 60 -0.98 -17.07 -2.49
C TRP B 60 -2.26 -17.10 -1.68
N GLY B 61 -2.99 -18.22 -1.70
CA GLY B 61 -4.20 -18.33 -0.91
C GLY B 61 -3.93 -18.21 0.58
N ARG B 62 -2.79 -18.73 1.04
CA ARG B 62 -2.45 -18.62 2.46
C ARG B 62 -2.11 -17.19 2.83
N VAL B 63 -1.49 -16.42 1.93
CA VAL B 63 -1.21 -15.02 2.21
C VAL B 63 -2.49 -14.23 2.34
N VAL B 64 -3.48 -14.53 1.48
CA VAL B 64 -4.77 -13.86 1.55
C VAL B 64 -5.47 -14.20 2.85
N ALA B 65 -5.43 -15.48 3.26
CA ALA B 65 -6.01 -15.85 4.54
C ALA B 65 -5.29 -15.18 5.69
N LEU B 66 -3.97 -15.01 5.58
CA LEU B 66 -3.23 -14.28 6.59
C LEU B 66 -3.60 -12.80 6.58
N PHE B 67 -3.89 -12.24 5.41
CA PHE B 67 -4.33 -10.86 5.33
C PHE B 67 -5.72 -10.69 5.95
N TYR B 68 -6.59 -11.69 5.79
CA TYR B 68 -7.90 -11.64 6.40
C TYR B 68 -7.79 -11.64 7.92
N PHE B 69 -6.92 -12.49 8.48
CA PHE B 69 -6.74 -12.53 9.92
C PHE B 69 -6.05 -11.26 10.42
N ALA B 70 -5.07 -10.75 9.67
CA ALA B 70 -4.37 -9.55 10.09
C ALA B 70 -5.27 -8.33 10.04
N SER B 71 -6.09 -8.22 8.99
CA SER B 71 -6.99 -7.07 8.87
C SER B 71 -8.07 -7.09 9.94
N LYS B 72 -8.64 -8.27 10.23
CA LYS B 72 -9.58 -8.37 11.34
C LYS B 72 -8.90 -8.09 12.67
N LEU B 73 -7.60 -8.37 12.77
CA LEU B 73 -6.86 -8.06 13.98
C LEU B 73 -6.71 -6.57 14.17
N VAL B 74 -6.63 -5.80 13.06
CA VAL B 74 -6.43 -4.36 13.16
C VAL B 74 -7.71 -3.63 13.53
N LEU B 75 -8.88 -4.22 13.30
CA LEU B 75 -10.13 -3.57 13.70
C LEU B 75 -10.29 -3.61 15.21
N LYS B 76 -10.01 -4.76 15.82
CA LYS B 76 -10.09 -4.87 17.27
C LYS B 76 -9.03 -4.00 17.94
N ALA B 77 -7.87 -3.84 17.30
CA ALA B 77 -6.81 -3.00 17.84
C ALA B 77 -7.04 -1.55 17.46
N LEU C 12 -22.36 14.37 -1.38
CA LEU C 12 -20.99 13.85 -1.37
C LEU C 12 -20.79 12.81 -2.47
N SER C 13 -21.76 11.91 -2.61
CA SER C 13 -21.66 10.88 -3.64
C SER C 13 -21.64 11.49 -5.03
N GLU C 14 -22.41 12.55 -5.26
CA GLU C 14 -22.33 13.30 -6.50
C GLU C 14 -21.17 14.28 -6.50
N SER C 15 -20.58 14.57 -5.33
CA SER C 15 -19.41 15.43 -5.28
C SER C 15 -18.17 14.70 -5.78
N LEU C 16 -17.90 13.52 -5.23
CA LEU C 16 -16.80 12.70 -5.73
C LEU C 16 -17.01 12.31 -7.18
N LYS C 17 -18.26 12.21 -7.62
CA LYS C 17 -18.55 11.82 -8.99
C LYS C 17 -18.16 12.92 -9.97
N ARG C 18 -18.75 14.11 -9.81
CA ARG C 18 -18.47 15.20 -10.74
C ARG C 18 -17.02 15.68 -10.65
N ILE C 19 -16.40 15.55 -9.47
CA ILE C 19 -14.99 15.91 -9.34
C ILE C 19 -14.12 15.01 -10.20
N GLY C 20 -14.34 13.70 -10.11
CA GLY C 20 -13.59 12.77 -10.94
C GLY C 20 -13.98 12.83 -12.40
N ASP C 21 -15.23 13.19 -12.69
CA ASP C 21 -15.69 13.25 -14.08
C ASP C 21 -15.08 14.45 -14.79
N GLU C 22 -15.17 15.63 -14.19
CA GLU C 22 -14.61 16.83 -14.82
C GLU C 22 -13.09 16.74 -14.93
N LEU C 23 -12.43 16.07 -13.98
CA LEU C 23 -11.01 15.81 -14.12
C LEU C 23 -10.73 14.82 -15.25
N ASP C 24 -11.66 13.90 -15.50
CA ASP C 24 -11.51 12.93 -16.56
C ASP C 24 -11.79 13.54 -17.93
N SER C 25 -12.59 14.61 -17.99
CA SER C 25 -13.06 15.18 -19.24
C SER C 25 -12.26 16.39 -19.70
N ASN C 26 -11.31 16.87 -18.90
CA ASN C 26 -10.52 18.04 -19.27
C ASN C 26 -9.61 17.67 -20.44
N MET C 27 -10.05 18.01 -21.66
CA MET C 27 -9.32 17.61 -22.85
C MET C 27 -7.93 18.22 -22.90
N GLU C 28 -7.77 19.44 -22.39
CA GLU C 28 -6.44 20.05 -22.36
C GLU C 28 -5.53 19.32 -21.39
N LEU C 29 -6.05 18.92 -20.23
CA LEU C 29 -5.25 18.17 -19.26
C LEU C 29 -4.88 16.80 -19.80
N GLN C 30 -5.83 16.10 -20.42
CA GLN C 30 -5.52 14.80 -21.02
C GLN C 30 -4.52 14.95 -22.16
N ARG C 31 -4.54 16.09 -22.85
CA ARG C 31 -3.55 16.33 -23.90
C ARG C 31 -2.19 16.69 -23.33
N MET C 32 -2.16 17.44 -22.22
CA MET C 32 -0.89 17.81 -21.61
C MET C 32 -0.22 16.61 -20.95
N ILE C 33 -1.00 15.68 -20.40
CA ILE C 33 -0.42 14.49 -19.79
C ILE C 33 0.23 13.61 -20.86
N ALA C 34 -0.38 13.56 -22.05
CA ALA C 34 0.18 12.75 -23.13
C ALA C 34 1.54 13.26 -23.60
N ALA C 35 1.91 14.49 -23.23
CA ALA C 35 3.21 15.03 -23.60
C ALA C 35 4.26 14.69 -22.56
N ASP C 39 8.24 9.36 -22.30
CA ASP C 39 9.59 9.83 -21.99
C ASP C 39 10.13 9.13 -20.76
N SER C 40 10.75 9.92 -19.86
CA SER C 40 11.21 9.43 -18.58
C SER C 40 10.20 9.86 -17.52
N PRO C 41 9.33 8.96 -17.04
CA PRO C 41 8.18 9.43 -16.24
C PRO C 41 8.56 10.00 -14.89
N ARG C 42 9.55 9.41 -14.21
CA ARG C 42 9.84 9.80 -12.84
C ARG C 42 10.42 11.21 -12.76
N GLU C 43 11.29 11.57 -13.72
CA GLU C 43 11.90 12.90 -13.69
C GLU C 43 10.86 13.98 -13.95
N VAL C 44 9.91 13.72 -14.85
CA VAL C 44 8.88 14.70 -15.16
C VAL C 44 7.90 14.82 -13.99
N PHE C 45 7.56 13.68 -13.36
CA PHE C 45 6.66 13.73 -12.21
C PHE C 45 7.28 14.53 -11.07
N PHE C 46 8.59 14.39 -10.86
CA PHE C 46 9.26 15.17 -9.83
C PHE C 46 9.27 16.65 -10.18
N ARG C 47 9.50 16.98 -11.44
CA ARG C 47 9.49 18.38 -11.87
C ARG C 47 8.09 18.95 -11.80
N VAL C 48 7.08 18.16 -12.16
CA VAL C 48 5.70 18.63 -12.08
C VAL C 48 5.29 18.84 -10.63
N ALA C 49 5.62 17.88 -9.76
CA ALA C 49 5.26 18.00 -8.35
C ALA C 49 5.99 19.17 -7.69
N ALA C 50 7.24 19.42 -8.09
CA ALA C 50 7.98 20.53 -7.52
C ALA C 50 7.39 21.87 -7.94
N ASP C 51 6.90 21.96 -9.17
CA ASP C 51 6.30 23.21 -9.65
C ASP C 51 4.89 23.40 -9.11
N MET C 52 4.16 22.31 -8.85
CA MET C 52 2.80 22.44 -8.32
C MET C 52 2.81 23.11 -6.95
N PHE C 53 3.71 22.68 -6.07
CA PHE C 53 3.80 23.21 -4.71
C PHE C 53 4.98 24.17 -4.56
N SER C 54 5.29 24.93 -5.61
CA SER C 54 6.28 25.99 -5.49
C SER C 54 5.79 27.08 -4.54
N ASP C 55 4.50 27.38 -4.59
CA ASP C 55 3.88 28.24 -3.59
C ASP C 55 3.70 27.44 -2.30
N GLY C 56 3.01 28.01 -1.32
CA GLY C 56 2.97 27.40 -0.01
C GLY C 56 1.66 26.79 0.42
N ASN C 57 0.81 26.38 -0.52
CA ASN C 57 -0.46 25.76 -0.21
C ASN C 57 -0.46 24.32 -0.71
N PHE C 58 -0.86 23.40 0.16
CA PHE C 58 -0.88 21.98 -0.17
C PHE C 58 -2.30 21.44 -0.04
N ASN C 59 -3.27 22.13 -0.63
CA ASN C 59 -4.66 21.73 -0.49
C ASN C 59 -4.91 20.38 -1.14
N TRP C 60 -5.99 19.73 -0.70
CA TRP C 60 -6.27 18.36 -1.12
C TRP C 60 -6.43 18.25 -2.63
N GLY C 61 -7.04 19.26 -3.27
CA GLY C 61 -7.27 19.18 -4.70
C GLY C 61 -5.99 19.03 -5.50
N ARG C 62 -4.93 19.74 -5.09
CA ARG C 62 -3.65 19.59 -5.77
C ARG C 62 -3.04 18.22 -5.52
N VAL C 63 -3.18 17.70 -4.29
CA VAL C 63 -2.66 16.38 -3.97
C VAL C 63 -3.38 15.32 -4.80
N VAL C 64 -4.70 15.43 -4.92
CA VAL C 64 -5.46 14.47 -5.72
C VAL C 64 -5.07 14.59 -7.18
N ALA C 65 -5.00 15.82 -7.70
CA ALA C 65 -4.62 16.02 -9.10
C ALA C 65 -3.21 15.51 -9.37
N LEU C 66 -2.31 15.63 -8.40
CA LEU C 66 -0.98 15.05 -8.56
C LEU C 66 -1.03 13.53 -8.53
N PHE C 67 -1.85 12.96 -7.65
CA PHE C 67 -2.02 11.51 -7.64
C PHE C 67 -2.69 11.04 -8.93
N TYR C 68 -3.70 11.77 -9.40
CA TYR C 68 -4.32 11.42 -10.67
C TYR C 68 -3.31 11.49 -11.81
N PHE C 69 -2.39 12.46 -11.76
CA PHE C 69 -1.34 12.54 -12.76
C PHE C 69 -0.35 11.39 -12.62
N ALA C 70 0.03 11.06 -11.38
CA ALA C 70 0.98 9.97 -11.16
C ALA C 70 0.37 8.63 -11.57
N SER C 71 -0.87 8.36 -11.14
CA SER C 71 -1.52 7.11 -11.49
C SER C 71 -1.72 6.98 -12.99
N LYS C 72 -1.97 8.10 -13.68
CA LYS C 72 -2.01 8.05 -15.14
C LYS C 72 -0.61 7.94 -15.72
N LEU C 73 0.40 8.49 -15.04
CA LEU C 73 1.76 8.44 -15.56
C LEU C 73 2.35 7.05 -15.45
N VAL C 74 1.91 6.26 -14.47
CA VAL C 74 2.43 4.91 -14.32
C VAL C 74 1.75 3.92 -15.25
N LEU C 75 0.55 4.25 -15.76
CA LEU C 75 -0.12 3.36 -16.69
C LEU C 75 0.59 3.33 -18.04
N LYS C 76 1.17 4.45 -18.47
CA LYS C 76 1.89 4.48 -19.73
C LYS C 76 3.18 3.68 -19.66
N ALA C 77 3.80 3.62 -18.49
CA ALA C 77 5.04 2.87 -18.32
C ALA C 77 4.76 1.39 -18.11
N ALA D 7 9.24 25.30 -20.19
CA ALA D 7 7.83 25.58 -20.50
C ALA D 7 7.04 24.28 -20.61
N SER D 8 7.74 23.16 -20.81
CA SER D 8 7.07 21.88 -20.98
C SER D 8 6.35 21.46 -19.70
N THR D 9 7.11 21.27 -18.63
CA THR D 9 6.51 20.86 -17.36
C THR D 9 5.69 21.98 -16.72
N LYS D 10 5.99 23.24 -17.05
CA LYS D 10 5.28 24.35 -16.42
C LYS D 10 3.84 24.45 -16.88
N LYS D 11 3.59 24.22 -18.17
CA LYS D 11 2.21 24.24 -18.66
C LYS D 11 1.38 23.13 -18.04
N LEU D 12 2.00 21.99 -17.72
CA LEU D 12 1.26 20.87 -17.15
C LEU D 12 0.98 21.06 -15.67
N SER D 13 1.95 21.58 -14.92
CA SER D 13 1.77 21.76 -13.49
C SER D 13 0.75 22.85 -13.19
N GLU D 14 0.78 23.95 -13.95
CA GLU D 14 -0.22 25.00 -13.76
C GLU D 14 -1.62 24.49 -14.04
N SER D 15 -1.76 23.53 -14.96
CA SER D 15 -3.06 22.94 -15.21
C SER D 15 -3.56 22.15 -14.01
N LEU D 16 -2.75 21.21 -13.52
CA LEU D 16 -3.13 20.45 -12.33
C LEU D 16 -3.28 21.36 -11.12
N LYS D 17 -2.47 22.40 -11.04
CA LYS D 17 -2.60 23.38 -9.96
C LYS D 17 -3.91 24.16 -10.11
N ARG D 18 -4.29 24.48 -11.34
CA ARG D 18 -5.57 25.15 -11.57
C ARG D 18 -6.74 24.24 -11.26
N ILE D 19 -6.64 22.97 -11.65
CA ILE D 19 -7.69 22.00 -11.34
C ILE D 19 -7.77 21.78 -9.83
N GLY D 20 -6.62 21.66 -9.17
CA GLY D 20 -6.62 21.35 -7.75
C GLY D 20 -7.23 22.44 -6.90
N ASP D 21 -6.89 23.70 -7.18
CA ASP D 21 -7.44 24.81 -6.41
C ASP D 21 -8.92 25.00 -6.68
N GLU D 22 -9.38 24.74 -7.90
CA GLU D 22 -10.79 24.91 -8.22
C GLU D 22 -11.64 23.79 -7.64
N LEU D 23 -11.09 22.59 -7.47
CA LEU D 23 -11.79 21.57 -6.71
C LEU D 23 -11.87 21.94 -5.23
N ASP D 24 -10.83 22.62 -4.72
CA ASP D 24 -10.79 22.99 -3.31
C ASP D 24 -11.73 24.16 -3.01
N SER D 25 -11.99 25.03 -3.98
CA SER D 25 -12.82 26.20 -3.76
C SER D 25 -14.25 26.03 -4.23
N ASN D 26 -14.50 25.16 -5.21
CA ASN D 26 -15.87 24.97 -5.70
C ASN D 26 -16.68 24.11 -4.73
N MET D 27 -16.33 22.82 -4.64
CA MET D 27 -17.05 21.92 -3.76
C MET D 27 -16.63 22.17 -2.31
N GLU D 28 -17.60 22.43 -1.44
CA GLU D 28 -17.35 22.61 -0.02
C GLU D 28 -16.96 21.26 0.56
N LEU D 29 -15.71 20.89 0.34
CA LEU D 29 -15.21 19.57 0.73
C LEU D 29 -14.99 19.49 2.24
N GLN D 30 -14.23 18.48 2.67
CA GLN D 30 -14.07 18.17 4.10
C GLN D 30 -15.43 18.03 4.78
N ARG D 31 -16.36 17.36 4.09
CA ARG D 31 -17.74 17.27 4.54
C ARG D 31 -17.88 16.43 5.80
N MET D 32 -16.90 15.62 6.14
CA MET D 32 -16.97 14.75 7.31
C MET D 32 -17.18 15.54 8.60
N ASP D 39 -18.86 8.03 12.10
CA ASP D 39 -19.34 7.05 13.07
C ASP D 39 -18.87 5.65 12.69
N SER D 40 -19.10 5.26 11.44
CA SER D 40 -18.70 3.96 10.93
C SER D 40 -17.98 4.16 9.60
N PRO D 41 -16.68 3.92 9.52
CA PRO D 41 -15.93 4.25 8.30
C PRO D 41 -16.22 3.33 7.13
N ARG D 42 -16.22 2.02 7.36
CA ARG D 42 -16.34 1.07 6.27
C ARG D 42 -17.67 1.21 5.55
N GLU D 43 -18.76 1.40 6.30
CA GLU D 43 -20.09 1.40 5.71
C GLU D 43 -20.28 2.62 4.80
N VAL D 44 -19.93 3.81 5.30
CA VAL D 44 -20.22 5.04 4.56
C VAL D 44 -19.39 5.11 3.29
N PHE D 45 -18.17 4.55 3.29
CA PHE D 45 -17.38 4.48 2.07
C PHE D 45 -18.09 3.64 1.02
N PHE D 46 -18.46 2.41 1.38
CA PHE D 46 -19.20 1.56 0.44
C PHE D 46 -20.57 2.13 0.12
N ARG D 47 -21.09 3.02 0.97
CA ARG D 47 -22.38 3.65 0.68
C ARG D 47 -22.24 4.65 -0.47
N VAL D 48 -21.21 5.51 -0.41
CA VAL D 48 -21.03 6.49 -1.47
C VAL D 48 -20.44 5.85 -2.72
N ALA D 49 -19.66 4.78 -2.56
CA ALA D 49 -19.12 4.09 -3.72
C ALA D 49 -20.21 3.44 -4.54
N ALA D 50 -21.20 2.84 -3.86
CA ALA D 50 -22.34 2.28 -4.58
C ALA D 50 -23.14 3.37 -5.29
N ASP D 51 -23.20 4.57 -4.71
CA ASP D 51 -23.90 5.67 -5.35
C ASP D 51 -23.05 6.33 -6.44
N MET D 52 -21.72 6.25 -6.32
CA MET D 52 -20.87 6.78 -7.37
C MET D 52 -20.97 5.97 -8.65
N PHE D 53 -21.22 4.66 -8.54
CA PHE D 53 -21.23 3.77 -9.69
C PHE D 53 -22.61 3.15 -9.92
N SER D 54 -23.66 3.85 -9.49
CA SER D 54 -25.01 3.42 -9.84
C SER D 54 -25.20 3.47 -11.36
N ASP D 55 -24.65 4.48 -12.01
CA ASP D 55 -24.49 4.48 -13.46
C ASP D 55 -23.17 3.79 -13.79
N GLY D 56 -23.24 2.77 -14.64
CA GLY D 56 -22.10 1.88 -14.87
C GLY D 56 -20.86 2.52 -15.46
N ASN D 57 -20.50 3.71 -14.98
CA ASN D 57 -19.31 4.42 -15.44
C ASN D 57 -18.25 4.30 -14.34
N PHE D 58 -17.24 3.46 -14.59
CA PHE D 58 -16.12 3.29 -13.67
C PHE D 58 -14.88 4.03 -14.18
N ASN D 59 -15.06 5.29 -14.55
CA ASN D 59 -13.96 6.08 -15.11
C ASN D 59 -12.85 6.24 -14.07
N TRP D 60 -11.63 6.46 -14.57
CA TRP D 60 -10.45 6.44 -13.70
C TRP D 60 -10.46 7.60 -12.72
N GLY D 61 -10.93 8.78 -13.15
CA GLY D 61 -11.00 9.91 -12.26
C GLY D 61 -11.93 9.66 -11.08
N ARG D 62 -12.95 8.82 -11.26
CA ARG D 62 -13.84 8.49 -10.16
C ARG D 62 -13.14 7.64 -9.10
N VAL D 63 -12.22 6.77 -9.52
CA VAL D 63 -11.48 5.96 -8.55
C VAL D 63 -10.49 6.82 -7.78
N VAL D 64 -9.86 7.79 -8.45
CA VAL D 64 -8.89 8.66 -7.80
C VAL D 64 -9.58 9.48 -6.72
N ALA D 65 -10.72 10.09 -7.04
CA ALA D 65 -11.47 10.84 -6.05
C ALA D 65 -11.97 9.91 -4.94
N LEU D 66 -12.33 8.67 -5.29
CA LEU D 66 -12.73 7.70 -4.29
C LEU D 66 -11.53 7.16 -3.52
N PHE D 67 -10.35 7.16 -4.12
CA PHE D 67 -9.14 6.75 -3.40
C PHE D 67 -8.84 7.73 -2.27
N TYR D 68 -8.76 9.03 -2.58
CA TYR D 68 -8.48 10.02 -1.57
C TYR D 68 -9.54 10.00 -0.48
N PHE D 69 -10.81 9.83 -0.86
CA PHE D 69 -11.88 9.79 0.13
C PHE D 69 -11.68 8.66 1.13
N ALA D 70 -11.21 7.50 0.67
CA ALA D 70 -10.98 6.39 1.59
C ALA D 70 -9.84 6.70 2.56
N SER D 71 -8.76 7.33 2.06
CA SER D 71 -7.65 7.67 2.95
C SER D 71 -8.01 8.79 3.90
N LYS D 72 -8.98 9.64 3.55
CA LYS D 72 -9.40 10.72 4.43
C LYS D 72 -10.02 10.16 5.72
N LEU D 73 -10.89 9.17 5.58
CA LEU D 73 -11.61 8.63 6.73
C LEU D 73 -10.68 7.90 7.69
N VAL D 74 -9.59 7.33 7.19
CA VAL D 74 -8.64 6.62 8.04
C VAL D 74 -7.85 7.60 8.88
N PRO E 2 5.26 31.50 -1.25
CA PRO E 2 6.67 31.28 -1.56
C PRO E 2 7.41 30.53 -0.46
N LEU E 3 7.84 29.31 -0.75
CA LEU E 3 8.59 28.51 0.21
C LEU E 3 10.02 29.03 0.30
N GLY E 4 10.40 29.52 1.48
CA GLY E 4 11.74 30.03 1.69
C GLY E 4 12.68 28.97 2.22
N SER E 5 13.37 29.28 3.33
CA SER E 5 14.31 28.35 3.93
C SER E 5 13.66 27.57 5.07
N ASP E 6 14.23 26.42 5.37
CA ASP E 6 13.84 25.60 6.52
C ASP E 6 15.06 24.78 6.92
N ALA E 7 15.91 25.38 7.76
CA ALA E 7 17.20 24.77 8.07
C ALA E 7 17.05 23.47 8.84
N SER E 8 16.08 23.40 9.76
CA SER E 8 15.91 22.19 10.56
C SER E 8 15.43 21.03 9.69
N THR E 9 14.54 21.30 8.75
CA THR E 9 14.11 20.27 7.81
C THR E 9 15.25 19.86 6.88
N LYS E 10 16.14 20.78 6.56
CA LYS E 10 17.29 20.45 5.71
C LYS E 10 18.22 19.46 6.42
N LYS E 11 18.47 19.67 7.71
CA LYS E 11 19.25 18.72 8.48
C LYS E 11 18.64 17.33 8.44
N LEU E 12 17.30 17.25 8.45
CA LEU E 12 16.63 15.96 8.44
C LEU E 12 16.68 15.30 7.08
N SER E 13 16.37 16.05 6.03
CA SER E 13 16.39 15.50 4.68
C SER E 13 17.81 15.10 4.25
N GLU E 14 18.82 15.85 4.70
CA GLU E 14 20.20 15.47 4.39
C GLU E 14 20.60 14.19 5.11
N SER E 15 20.03 13.94 6.30
CA SER E 15 20.34 12.72 7.02
C SER E 15 19.65 11.51 6.41
N LEU E 16 18.36 11.66 6.07
CA LEU E 16 17.64 10.58 5.40
C LEU E 16 18.25 10.26 4.05
N LYS E 17 18.66 11.29 3.30
CA LYS E 17 19.31 11.07 2.02
C LYS E 17 20.62 10.31 2.18
N ARG E 18 21.35 10.60 3.27
CA ARG E 18 22.58 9.87 3.54
C ARG E 18 22.31 8.43 3.97
N ILE E 19 21.18 8.20 4.63
CA ILE E 19 20.83 6.84 5.05
C ILE E 19 20.44 5.99 3.85
N GLY E 20 19.65 6.55 2.93
CA GLY E 20 19.22 5.80 1.77
C GLY E 20 20.36 5.46 0.83
N ASP E 21 21.39 6.31 0.77
CA ASP E 21 22.52 6.03 -0.10
C ASP E 21 23.46 5.00 0.49
N GLU E 22 23.54 4.91 1.82
CA GLU E 22 24.31 3.84 2.44
C GLU E 22 23.69 2.48 2.14
N LEU E 23 22.36 2.41 2.12
CA LEU E 23 21.68 1.17 1.78
C LEU E 23 21.97 0.76 0.35
N ASP E 24 21.91 1.71 -0.58
CA ASP E 24 22.10 1.39 -1.99
C ASP E 24 23.56 1.09 -2.33
N SER E 25 24.51 1.59 -1.54
CA SER E 25 25.92 1.40 -1.81
C SER E 25 26.59 0.40 -0.88
N ASN E 26 25.85 -0.19 0.06
CA ASN E 26 26.39 -1.23 0.92
C ASN E 26 26.64 -2.49 0.10
N MET E 27 27.85 -2.64 -0.45
CA MET E 27 28.13 -3.76 -1.33
C MET E 27 28.06 -5.10 -0.63
N GLU E 28 28.24 -5.14 0.70
CA GLU E 28 28.05 -6.39 1.41
C GLU E 28 26.56 -6.75 1.49
N LEU E 29 25.70 -5.76 1.72
CA LEU E 29 24.27 -6.00 1.77
C LEU E 29 23.73 -6.39 0.40
N GLN E 30 24.12 -5.64 -0.64
CA GLN E 30 23.65 -5.94 -1.99
C GLN E 30 24.14 -7.29 -2.47
N ARG E 31 25.34 -7.70 -2.04
CA ARG E 31 25.84 -9.02 -2.40
C ARG E 31 24.98 -10.11 -1.76
N MET E 32 24.61 -9.94 -0.49
CA MET E 32 23.73 -10.92 0.16
C MET E 32 22.35 -10.91 -0.48
N ILE E 33 21.87 -9.75 -0.91
CA ILE E 33 20.56 -9.66 -1.54
C ILE E 33 20.58 -10.30 -2.92
N ALA E 34 21.68 -10.10 -3.67
CA ALA E 34 21.77 -10.71 -4.99
C ALA E 34 22.00 -12.20 -4.92
N ALA E 35 22.57 -12.69 -3.83
CA ALA E 35 22.98 -14.09 -3.72
C ALA E 35 21.99 -14.94 -2.93
N VAL E 36 20.75 -14.51 -2.81
CA VAL E 36 19.69 -15.35 -2.27
C VAL E 36 18.91 -15.93 -3.45
N ASP E 37 18.35 -17.12 -3.23
CA ASP E 37 17.84 -17.95 -4.32
C ASP E 37 16.87 -17.20 -5.22
N THR E 38 17.17 -17.16 -6.51
CA THR E 38 16.33 -16.49 -7.49
C THR E 38 15.23 -17.43 -7.96
N ASP E 39 14.87 -18.40 -7.12
CA ASP E 39 13.93 -19.45 -7.47
C ASP E 39 12.60 -19.27 -6.73
N SER E 40 12.60 -19.36 -5.41
CA SER E 40 11.41 -19.18 -4.59
C SER E 40 11.56 -17.91 -3.77
N PRO E 41 11.20 -16.74 -4.32
CA PRO E 41 11.38 -15.49 -3.56
C PRO E 41 10.41 -15.35 -2.41
N ARG E 42 9.24 -16.00 -2.47
CA ARG E 42 8.32 -15.95 -1.34
C ARG E 42 8.88 -16.69 -0.14
N GLU E 43 9.60 -17.80 -0.38
CA GLU E 43 10.15 -18.59 0.71
C GLU E 43 11.28 -17.86 1.43
N VAL E 44 12.25 -17.38 0.67
CA VAL E 44 13.39 -16.67 1.27
C VAL E 44 12.92 -15.43 2.00
N PHE E 45 11.87 -14.77 1.49
CA PHE E 45 11.34 -13.59 2.18
C PHE E 45 10.74 -13.96 3.53
N PHE E 46 10.00 -15.08 3.58
CA PHE E 46 9.42 -15.51 4.85
C PHE E 46 10.51 -15.88 5.86
N ARG E 47 11.53 -16.63 5.42
CA ARG E 47 12.57 -17.06 6.34
C ARG E 47 13.39 -15.88 6.86
N VAL E 48 13.62 -14.88 6.00
CA VAL E 48 14.26 -13.65 6.45
C VAL E 48 13.38 -12.94 7.47
N ALA E 49 12.08 -12.81 7.16
CA ALA E 49 11.17 -12.13 8.07
C ALA E 49 11.02 -12.89 9.38
N ALA E 50 10.99 -14.22 9.31
CA ALA E 50 10.83 -15.01 10.53
C ALA E 50 12.04 -14.86 11.44
N ASP E 51 13.25 -14.82 10.87
CA ASP E 51 14.44 -14.66 11.69
C ASP E 51 14.58 -13.22 12.20
N MET E 52 14.16 -12.24 11.40
CA MET E 52 14.27 -10.85 11.82
C MET E 52 13.43 -10.57 13.07
N PHE E 53 12.28 -11.24 13.20
CA PHE E 53 11.39 -11.05 14.34
C PHE E 53 11.31 -12.29 15.22
N SER E 54 12.29 -13.20 15.12
CA SER E 54 12.33 -14.34 16.01
C SER E 54 12.44 -13.90 17.46
N ASP E 55 13.31 -12.92 17.74
CA ASP E 55 13.25 -12.23 19.01
C ASP E 55 12.04 -11.32 19.04
N GLY E 56 11.41 -11.19 20.21
CA GLY E 56 10.13 -10.53 20.32
C GLY E 56 10.12 -9.03 20.05
N ASN E 57 11.06 -8.55 19.25
CA ASN E 57 11.17 -7.14 18.91
C ASN E 57 10.54 -6.89 17.56
N PHE E 58 9.54 -6.00 17.52
CA PHE E 58 8.85 -5.67 16.28
C PHE E 58 8.92 -4.17 16.01
N ASN E 59 10.10 -3.58 16.17
CA ASN E 59 10.24 -2.14 15.97
C ASN E 59 10.12 -1.79 14.48
N TRP E 60 9.72 -0.54 14.23
CA TRP E 60 9.35 -0.12 12.88
C TRP E 60 10.55 -0.06 11.95
N GLY E 61 11.76 0.14 12.47
CA GLY E 61 12.93 0.16 11.62
C GLY E 61 13.17 -1.18 10.94
N ARG E 62 12.85 -2.27 11.62
CA ARG E 62 13.00 -3.60 11.03
C ARG E 62 11.98 -3.83 9.93
N VAL E 63 10.73 -3.37 10.13
CA VAL E 63 9.71 -3.49 9.09
C VAL E 63 10.16 -2.78 7.82
N VAL E 64 10.77 -1.61 7.97
CA VAL E 64 11.20 -0.83 6.81
C VAL E 64 12.40 -1.50 6.13
N ALA E 65 13.33 -2.04 6.92
CA ALA E 65 14.44 -2.81 6.35
C ALA E 65 13.94 -4.05 5.64
N LEU E 66 12.89 -4.69 6.16
CA LEU E 66 12.31 -5.84 5.49
C LEU E 66 11.56 -5.43 4.23
N PHE E 67 10.87 -4.28 4.28
CA PHE E 67 10.21 -3.75 3.08
C PHE E 67 11.22 -3.38 2.02
N TYR E 68 12.40 -2.90 2.42
CA TYR E 68 13.45 -2.62 1.44
C TYR E 68 13.92 -3.90 0.77
N PHE E 69 14.14 -4.96 1.54
CA PHE E 69 14.53 -6.23 0.96
C PHE E 69 13.39 -6.80 0.11
N ALA E 70 12.15 -6.59 0.51
CA ALA E 70 11.02 -7.04 -0.28
C ALA E 70 10.95 -6.29 -1.61
N SER E 71 11.14 -4.97 -1.58
CA SER E 71 11.05 -4.17 -2.80
C SER E 71 12.13 -4.56 -3.80
N LYS E 72 13.34 -4.83 -3.31
CA LYS E 72 14.39 -5.31 -4.21
C LYS E 72 14.13 -6.73 -4.66
N LEU E 73 13.46 -7.53 -3.82
CA LEU E 73 13.14 -8.90 -4.19
C LEU E 73 12.12 -8.95 -5.31
N VAL E 74 11.14 -8.03 -5.29
CA VAL E 74 10.13 -8.02 -6.34
C VAL E 74 10.72 -7.60 -7.68
N LEU E 75 11.77 -6.77 -7.66
CA LEU E 75 12.39 -6.32 -8.91
C LEU E 75 13.25 -7.41 -9.55
N LYS E 76 13.97 -8.19 -8.74
CA LYS E 76 14.80 -9.25 -9.29
C LYS E 76 13.94 -10.34 -9.95
N ALA E 77 12.88 -10.77 -9.26
CA ALA E 77 11.94 -11.71 -9.85
C ALA E 77 11.14 -11.09 -11.00
N LEU E 78 11.17 -9.77 -11.15
CA LEU E 78 10.51 -9.12 -12.26
C LEU E 78 11.38 -9.09 -13.51
N SER E 79 12.69 -9.04 -13.34
CA SER E 79 13.62 -9.00 -14.48
C SER E 79 14.26 -10.37 -14.69
N LEU F 3 10.83 -21.37 10.37
CA LEU F 3 11.73 -22.24 11.12
C LEU F 3 12.65 -23.01 10.18
N GLY F 4 13.71 -22.34 9.73
CA GLY F 4 14.67 -22.91 8.80
C GLY F 4 15.61 -21.84 8.30
N SER F 5 16.87 -22.20 8.03
CA SER F 5 17.88 -21.19 7.73
C SER F 5 18.83 -21.73 6.66
N ASP F 6 19.91 -20.98 6.46
CA ASP F 6 20.90 -21.15 5.42
C ASP F 6 22.00 -20.13 5.68
N ALA F 7 23.18 -20.37 5.11
CA ALA F 7 24.29 -19.46 5.32
C ALA F 7 23.99 -18.06 4.79
N SER F 8 23.32 -17.97 3.64
CA SER F 8 23.06 -16.67 3.02
C SER F 8 21.88 -15.97 3.65
N THR F 9 20.78 -16.69 3.89
CA THR F 9 19.59 -16.06 4.43
C THR F 9 19.80 -15.60 5.88
N LYS F 10 20.51 -16.41 6.67
CA LYS F 10 20.79 -16.02 8.05
C LYS F 10 21.68 -14.78 8.09
N LYS F 11 22.69 -14.73 7.23
CA LYS F 11 23.53 -13.53 7.15
C LYS F 11 22.74 -12.34 6.64
N LEU F 12 21.81 -12.58 5.71
CA LEU F 12 20.98 -11.50 5.20
C LEU F 12 20.02 -10.99 6.26
N SER F 13 19.48 -11.89 7.09
CA SER F 13 18.53 -11.49 8.11
C SER F 13 19.21 -10.65 9.20
N GLU F 14 20.40 -11.04 9.62
CA GLU F 14 21.09 -10.31 10.68
C GLU F 14 21.48 -8.91 10.23
N SER F 15 21.79 -8.73 8.95
CA SER F 15 22.14 -7.40 8.44
C SER F 15 20.91 -6.50 8.38
N LEU F 16 19.78 -7.01 7.89
CA LEU F 16 18.56 -6.23 7.87
C LEU F 16 18.10 -5.90 9.29
N LYS F 17 18.25 -6.85 10.21
CA LYS F 17 17.90 -6.59 11.60
C LYS F 17 18.81 -5.53 12.20
N ARG F 18 20.11 -5.59 11.88
CA ARG F 18 21.04 -4.58 12.38
C ARG F 18 20.75 -3.21 11.78
N ILE F 19 20.33 -3.18 10.51
CA ILE F 19 19.99 -1.90 9.87
C ILE F 19 18.75 -1.29 10.51
N GLY F 20 17.72 -2.12 10.73
CA GLY F 20 16.50 -1.61 11.32
C GLY F 20 16.68 -1.15 12.75
N ASP F 21 17.52 -1.84 13.52
CA ASP F 21 17.75 -1.44 14.90
C ASP F 21 18.54 -0.14 14.99
N GLU F 22 19.49 0.06 14.07
CA GLU F 22 20.26 1.30 14.08
C GLU F 22 19.43 2.50 13.62
N LEU F 23 18.40 2.25 12.81
CA LEU F 23 17.48 3.33 12.44
C LEU F 23 16.73 3.85 13.66
N ASP F 24 16.14 2.93 14.44
CA ASP F 24 15.29 3.34 15.56
C ASP F 24 16.10 3.85 16.74
N SER F 25 17.35 3.44 16.87
CA SER F 25 18.19 3.86 17.98
C SER F 25 19.10 5.03 17.64
N ASN F 26 19.02 5.53 16.40
CA ASN F 26 19.76 6.73 16.02
C ASN F 26 19.13 7.92 16.71
N MET F 27 19.71 8.34 17.85
CA MET F 27 19.09 9.36 18.67
C MET F 27 18.94 10.68 17.93
N GLU F 28 19.97 11.08 17.19
CA GLU F 28 19.90 12.37 16.48
C GLU F 28 18.84 12.32 15.38
N LEU F 29 18.69 11.16 14.72
CA LEU F 29 17.64 11.03 13.72
C LEU F 29 16.26 11.10 14.35
N GLN F 30 16.10 10.48 15.53
CA GLN F 30 14.80 10.51 16.21
C GLN F 30 14.47 11.90 16.72
N ARG F 31 15.49 12.66 17.13
CA ARG F 31 15.24 14.02 17.62
C ARG F 31 14.82 14.94 16.47
N MET F 32 15.47 14.81 15.31
CA MET F 32 15.07 15.60 14.16
C MET F 32 13.66 15.26 13.71
N ILE F 33 13.28 13.98 13.80
CA ILE F 33 11.94 13.58 13.40
C ILE F 33 10.90 14.09 14.41
N ALA F 34 11.23 14.01 15.70
CA ALA F 34 10.27 14.45 16.72
C ALA F 34 10.09 15.96 16.74
N ALA F 35 11.01 16.71 16.14
CA ALA F 35 10.97 18.16 16.17
C ALA F 35 10.20 18.77 14.99
N VAL F 36 9.73 17.94 14.06
CA VAL F 36 9.00 18.47 12.92
C VAL F 36 7.71 19.12 13.40
N ASP F 37 7.27 20.15 12.69
CA ASP F 37 6.11 20.92 13.10
C ASP F 37 4.82 20.18 12.78
N THR F 38 3.91 20.14 13.74
CA THR F 38 2.55 19.68 13.51
C THR F 38 1.70 20.71 12.79
N ASP F 39 2.28 21.87 12.47
CA ASP F 39 1.59 22.90 11.70
C ASP F 39 1.14 22.33 10.37
N SER F 40 2.09 21.95 9.51
CA SER F 40 1.77 21.31 8.23
C SER F 40 2.81 20.24 7.94
N PRO F 41 2.49 18.97 8.20
CA PRO F 41 3.40 17.88 7.82
C PRO F 41 3.52 17.71 6.31
N ARG F 42 2.59 18.28 5.55
CA ARG F 42 2.65 18.22 4.09
C ARG F 42 3.80 19.06 3.55
N GLU F 43 3.96 20.28 4.05
CA GLU F 43 5.09 21.10 3.65
C GLU F 43 6.41 20.47 4.06
N VAL F 44 6.46 19.89 5.26
CA VAL F 44 7.67 19.21 5.72
C VAL F 44 7.96 18.01 4.82
N PHE F 45 6.94 17.20 4.55
CA PHE F 45 7.14 16.04 3.69
C PHE F 45 7.57 16.47 2.28
N PHE F 46 7.01 17.57 1.78
CA PHE F 46 7.39 18.04 0.46
C PHE F 46 8.83 18.57 0.45
N ARG F 47 9.20 19.33 1.47
CA ARG F 47 10.58 19.82 1.57
C ARG F 47 11.57 18.67 1.66
N VAL F 48 11.22 17.62 2.42
CA VAL F 48 12.11 16.47 2.54
C VAL F 48 12.20 15.73 1.21
N ALA F 49 11.06 15.44 0.59
CA ALA F 49 11.06 14.68 -0.65
C ALA F 49 11.75 15.45 -1.78
N ALA F 50 11.55 16.78 -1.83
CA ALA F 50 12.17 17.58 -2.88
C ALA F 50 13.69 17.57 -2.74
N ASP F 51 14.20 17.60 -1.52
CA ASP F 51 15.64 17.55 -1.31
C ASP F 51 16.19 16.16 -1.59
N MET F 52 15.47 15.11 -1.19
CA MET F 52 15.97 13.75 -1.37
C MET F 52 16.04 13.36 -2.83
N PHE F 53 15.36 14.08 -3.72
CA PHE F 53 15.37 13.80 -5.15
C PHE F 53 15.74 15.06 -5.95
N SER F 54 16.45 16.00 -5.32
CA SER F 54 16.87 17.21 -6.02
C SER F 54 18.03 16.93 -6.98
N ASP F 55 18.96 16.07 -6.58
CA ASP F 55 20.16 15.82 -7.37
C ASP F 55 19.86 14.94 -8.58
N GLY F 56 18.59 14.78 -8.93
CA GLY F 56 18.19 14.04 -10.12
C GLY F 56 18.38 12.54 -9.98
N ASN F 57 18.88 12.10 -8.83
CA ASN F 57 19.17 10.70 -8.59
C ASN F 57 18.07 10.08 -7.73
N PHE F 58 17.65 8.88 -8.13
CA PHE F 58 16.57 8.16 -7.49
C PHE F 58 17.01 6.72 -7.29
N ASN F 59 17.12 6.31 -6.03
CA ASN F 59 17.36 4.92 -5.69
C ASN F 59 16.41 4.53 -4.57
N TRP F 60 16.16 3.22 -4.47
CA TRP F 60 15.10 2.74 -3.58
C TRP F 60 15.47 2.86 -2.11
N GLY F 61 16.75 3.03 -1.78
CA GLY F 61 17.10 3.32 -0.40
C GLY F 61 16.53 4.65 0.06
N ARG F 62 16.53 5.65 -0.82
CA ARG F 62 15.95 6.94 -0.47
C ARG F 62 14.44 6.87 -0.36
N VAL F 63 13.79 6.11 -1.25
CA VAL F 63 12.36 5.87 -1.12
C VAL F 63 12.06 5.18 0.21
N VAL F 64 12.87 4.20 0.57
CA VAL F 64 12.68 3.48 1.81
C VAL F 64 12.92 4.39 3.01
N ALA F 65 13.95 5.25 2.92
CA ALA F 65 14.20 6.21 4.00
C ALA F 65 13.09 7.25 4.08
N LEU F 66 12.57 7.67 2.92
CA LEU F 66 11.44 8.60 2.92
C LEU F 66 10.18 7.94 3.47
N PHE F 67 10.01 6.64 3.18
CA PHE F 67 8.85 5.92 3.73
C PHE F 67 8.96 5.77 5.24
N TYR F 68 10.17 5.55 5.75
CA TYR F 68 10.36 5.46 7.19
C TYR F 68 9.98 6.76 7.88
N PHE F 69 10.38 7.90 7.30
CA PHE F 69 10.04 9.19 7.89
C PHE F 69 8.55 9.50 7.73
N ALA F 70 7.99 9.20 6.56
CA ALA F 70 6.59 9.54 6.31
C ALA F 70 5.65 8.78 7.26
N SER F 71 5.94 7.51 7.52
CA SER F 71 5.10 6.73 8.42
C SER F 71 5.22 7.24 9.86
N LYS F 72 6.43 7.61 10.28
CA LYS F 72 6.59 8.19 11.62
C LYS F 72 5.94 9.57 11.69
N LEU F 73 6.00 10.33 10.60
CA LEU F 73 5.33 11.61 10.53
C LEU F 73 3.82 11.46 10.64
N VAL F 74 3.27 10.37 10.11
CA VAL F 74 1.84 10.12 10.20
C VAL F 74 1.41 9.86 11.63
N LEU F 75 2.20 9.05 12.35
CA LEU F 75 1.84 8.70 13.73
C LEU F 75 1.88 9.92 14.63
N LYS F 76 2.94 10.72 14.53
CA LYS F 76 3.06 11.90 15.39
C LYS F 76 1.96 12.91 15.12
N ALA F 77 1.56 13.05 13.85
CA ALA F 77 0.49 13.96 13.49
C ALA F 77 -0.90 13.43 13.84
N LEU F 78 -1.01 12.18 14.28
CA LEU F 78 -2.31 11.63 14.67
C LEU F 78 -2.67 12.01 16.09
N SER F 79 -1.73 11.85 17.02
CA SER F 79 -1.98 12.11 18.43
C SER F 79 -2.31 13.58 18.69
C3 1GP G . 2.69 0.09 16.42
O3 1GP G . 4.23 -0.56 14.70
C2 1GP G . 4.02 0.38 15.72
O2 1GP G . 2.76 0.51 17.75
C1 1GP G . 5.16 0.29 16.73
O1P 1GP G . 6.36 0.69 16.13
O2P 1GP G . 7.71 0.35 18.29
O3P 1GP G . 8.86 1.27 16.31
O4P 1GP G . 7.24 2.65 17.55
P 1GP G . 7.57 1.25 17.09
C1 EDO H . -5.19 -3.29 6.67
O1 EDO H . -6.58 -3.14 6.92
C2 EDO H . -4.62 -4.44 7.50
O2 EDO H . -3.23 -4.59 7.25
C1 EDO I . 11.70 5.63 -14.18
O1 EDO I . 12.13 6.37 -15.32
C2 EDO I . 10.49 4.78 -14.55
O2 EDO I . 9.88 4.27 -13.36
C1 EDO J . 4.90 -14.31 2.52
O1 EDO J . 5.61 -15.55 2.47
C2 EDO J . 4.35 -14.08 3.93
O2 EDO J . 5.33 -14.40 4.92
C1 OCT K . 7.45 -3.16 -3.67
C2 OCT K . 7.38 -4.51 -2.95
C3 OCT K . 6.30 -4.46 -1.87
C4 OCT K . 6.51 -5.62 -0.90
C5 OCT K . 5.46 -5.55 0.20
C6 OCT K . 6.00 -6.24 1.45
C7 OCT K . 6.36 -5.18 2.49
C8 OCT K . 7.09 -5.84 3.65
C1 D12 L . 7.58 -16.11 -8.35
C2 D12 L . 6.83 -15.64 -7.11
C3 D12 L . 6.36 -14.20 -7.31
C4 D12 L . 7.46 -13.24 -6.86
C5 D12 L . 7.04 -12.54 -5.57
C6 D12 L . 8.27 -12.09 -4.80
C7 D12 L . 7.84 -11.14 -3.68
C8 D12 L . 8.51 -11.52 -2.36
C9 D12 L . 8.11 -10.52 -1.29
C10 D12 L . 6.75 -10.89 -0.71
C11 D12 L . 6.21 -9.71 0.09
C12 D12 L . 4.82 -10.06 0.62
C1 EDO M . 0.33 -17.99 -7.66
O1 EDO M . 1.52 -17.29 -7.29
C2 EDO M . 0.33 -19.39 -7.04
O2 EDO M . 0.35 -19.28 -5.61
C1 DD9 N . 2.13 16.84 -0.36
C2 DD9 N . 3.48 16.91 -1.04
C3 DD9 N . 3.58 15.81 -2.11
C4 DD9 N . 4.59 16.27 -3.16
C5 DD9 N . 5.38 15.07 -3.67
C6 DD9 N . 6.86 15.43 -3.54
C7 DD9 N . 7.61 15.07 -4.83
C8 DD9 N . 8.89 15.91 -4.89
C9 DD9 N . 9.73 15.47 -6.09
C1 EDO O . 16.74 1.17 -9.81
O1 EDO O . 17.17 1.92 -8.68
C2 EDO O . 15.31 1.56 -10.17
O2 EDO O . 14.90 0.83 -11.33
#